data_4WHK
#
_entry.id   4WHK
#
_cell.length_a   37.592
_cell.length_b   39.651
_cell.length_c   39.942
_cell.angle_alpha   93.730
_cell.angle_beta   97.090
_cell.angle_gamma   102.920
#
_symmetry.space_group_name_H-M   'P 1'
#
loop_
_entity.id
_entity.type
_entity.pdbx_description
1 polymer 'Serine/threonine-protein kinase PLK1'
2 polymer 'C6H5(CH2)8-DERIVATIZED PEPTIDE INHIBITOR'
3 water water
#
loop_
_entity_poly.entity_id
_entity_poly.type
_entity_poly.pdbx_seq_one_letter_code
_entity_poly.pdbx_strand_id
1 'polypeptide(L)'
;GAHMDCHLSDMLQQLHSVNASKPSERGLVRQEEAEDPACIPIFWVSKWVDYSDKYGLGYQLCDNSVGVLFNDSTRLILYN
DGDSLQYIERDGTESYLTVSSHPNSLMKKITLLKYFRNYMSEHLLKAGANITPREGDELARLPYLRTWFRTRSAIILHLS
NGSVQINFFQDHTKLILCPLMAAVTYIDEKRDFRTYRLSLLEEYGCCKELASRLRYARTMVDKLLSSRSASNRLKAS
;
A
2 'polypeptide(L)' (YAC)(56A)S(TPO)(NH2) B
#
loop_
_chem_comp.id
_chem_comp.type
_chem_comp.name
_chem_comp.formula
NH2 non-polymer 'AMINO GROUP' 'H2 N'
YAC non-polymer '(4Z)-6-oxo-6-phenylhex-4-enoic acid' 'C12 H12 O3'
#
# COMPACT_ATOMS: atom_id res chain seq x y z
N HIS A 7 8.18 10.49 -4.97
CA HIS A 7 6.86 10.66 -5.61
C HIS A 7 5.80 11.22 -4.71
N LEU A 8 6.07 11.49 -3.42
CA LEU A 8 5.05 12.07 -2.57
C LEU A 8 4.58 13.45 -3.06
N SER A 9 5.51 14.25 -3.59
CA SER A 9 5.18 15.58 -4.03
C SER A 9 4.27 15.50 -5.20
N ASP A 10 4.56 14.55 -6.07
CA ASP A 10 3.72 14.33 -7.29
C ASP A 10 2.28 13.97 -6.82
N MET A 11 2.18 13.02 -5.90
CA MET A 11 0.88 12.63 -5.30
C MET A 11 0.15 13.82 -4.70
N LEU A 12 0.88 14.68 -4.02
CA LEU A 12 0.26 15.81 -3.39
C LEU A 12 -0.28 16.78 -4.45
N GLN A 13 0.48 17.02 -5.52
CA GLN A 13 0.04 17.93 -6.55
C GLN A 13 -1.28 17.35 -7.14
N GLN A 14 -1.29 16.04 -7.30
CA GLN A 14 -2.45 15.33 -7.88
C GLN A 14 -3.68 15.41 -6.97
N LEU A 15 -3.45 15.25 -5.69
CA LEU A 15 -4.51 15.32 -4.72
C LEU A 15 -5.00 16.81 -4.53
N HIS A 16 -4.08 17.77 -4.47
CA HIS A 16 -4.55 19.18 -4.43
C HIS A 16 -5.45 19.51 -5.60
N SER A 17 -5.06 19.08 -6.79
CA SER A 17 -5.80 19.36 -7.97
C SER A 17 -7.22 18.76 -7.91
N VAL A 18 -7.33 17.50 -7.54
CA VAL A 18 -8.65 16.86 -7.44
C VAL A 18 -9.50 17.49 -6.35
N ASN A 19 -8.90 17.71 -5.20
CA ASN A 19 -9.69 18.19 -4.06
C ASN A 19 -10.15 19.64 -4.32
N ALA A 20 -9.30 20.43 -4.97
CA ALA A 20 -9.60 21.82 -5.32
C ALA A 20 -10.78 21.93 -6.31
N SER A 21 -10.99 20.90 -7.11
CA SER A 21 -12.14 20.81 -8.00
C SER A 21 -13.49 20.58 -7.26
N LYS A 22 -13.46 20.29 -5.96
CA LYS A 22 -14.67 19.99 -5.12
C LYS A 22 -15.59 18.97 -5.83
N PRO A 23 -15.05 17.73 -6.01
CA PRO A 23 -15.78 16.83 -6.89
C PRO A 23 -17.15 16.32 -6.36
N SER A 24 -17.45 16.43 -5.07
CA SER A 24 -18.77 16.02 -4.59
C SER A 24 -19.78 17.18 -4.68
N GLU A 25 -19.36 18.32 -5.14
CA GLU A 25 -20.23 19.50 -5.19
C GLU A 25 -20.52 19.87 -6.62
N ARG A 26 -20.89 18.88 -7.38
CA ARG A 26 -21.24 19.08 -8.74
C ARG A 26 -22.70 18.92 -8.82
N GLY A 27 -23.30 19.61 -9.77
CA GLY A 27 -24.74 19.49 -10.00
C GLY A 27 -25.17 18.10 -10.41
N LEU A 28 -24.33 17.42 -11.18
CA LEU A 28 -24.55 15.97 -11.51
C LEU A 28 -23.24 15.17 -11.41
N VAL A 29 -23.08 14.43 -10.33
CA VAL A 29 -21.90 13.58 -10.10
C VAL A 29 -22.05 12.35 -10.97
N ARG A 30 -21.01 12.05 -11.74
CA ARG A 30 -21.00 10.89 -12.65
C ARG A 30 -19.74 10.06 -12.37
N GLN A 31 -19.66 9.56 -11.13
CA GLN A 31 -18.51 8.89 -10.60
C GLN A 31 -18.08 7.65 -11.47
N GLU A 32 -19.08 6.99 -12.03
CA GLU A 32 -18.84 5.85 -12.85
C GLU A 32 -18.00 6.13 -14.05
N GLU A 33 -18.14 7.32 -14.61
CA GLU A 33 -17.41 7.73 -15.78
C GLU A 33 -15.93 8.01 -15.44
N ALA A 34 -15.58 7.99 -14.16
CA ALA A 34 -14.17 8.19 -13.77
C ALA A 34 -13.41 6.87 -13.54
N GLU A 35 -14.11 5.75 -13.62
CA GLU A 35 -13.51 4.42 -13.50
C GLU A 35 -12.59 4.13 -14.68
N ASP A 36 -11.39 3.60 -14.40
CA ASP A 36 -10.41 3.29 -15.44
C ASP A 36 -9.64 2.09 -15.02
N PRO A 37 -10.05 0.92 -15.50
CA PRO A 37 -9.38 -0.38 -15.18
C PRO A 37 -7.94 -0.42 -15.62
N ALA A 38 -7.55 0.44 -16.54
CA ALA A 38 -6.14 0.47 -16.93
C ALA A 38 -5.23 1.02 -15.82
N CYS A 39 -5.83 1.63 -14.80
CA CYS A 39 -5.10 2.22 -13.73
C CYS A 39 -5.02 1.35 -12.49
N ILE A 40 -5.56 0.14 -12.57
CA ILE A 40 -5.50 -0.82 -11.44
C ILE A 40 -4.03 -0.97 -11.01
N PRO A 41 -3.75 -0.95 -9.69
CA PRO A 41 -2.37 -1.08 -9.21
C PRO A 41 -1.80 -2.50 -9.48
N ILE A 42 -0.48 -2.52 -9.51
CA ILE A 42 0.27 -3.78 -9.55
C ILE A 42 0.37 -4.36 -8.16
N PHE A 43 0.64 -3.50 -7.17
CA PHE A 43 0.97 -3.97 -5.85
C PHE A 43 0.15 -3.17 -4.85
N TRP A 44 -0.27 -3.84 -3.84
CA TRP A 44 -0.82 -3.22 -2.63
C TRP A 44 -0.61 -4.17 -1.46
N VAL A 45 -0.86 -3.66 -0.24
CA VAL A 45 -0.64 -4.41 0.99
C VAL A 45 -1.90 -5.21 1.22
N SER A 46 -1.79 -6.56 1.16
CA SER A 46 -2.91 -7.42 1.47
C SER A 46 -3.10 -7.79 2.92
N LYS A 47 -2.04 -7.74 3.73
CA LYS A 47 -2.13 -8.20 5.11
C LYS A 47 -0.98 -7.52 5.85
N TRP A 48 -1.16 -7.26 7.12
CA TRP A 48 -0.05 -6.68 7.91
C TRP A 48 -0.22 -7.09 9.38
N VAL A 49 0.89 -6.98 10.12
CA VAL A 49 0.96 -7.36 11.49
C VAL A 49 1.87 -6.33 12.16
N ASP A 50 1.31 -5.61 13.13
CA ASP A 50 2.12 -4.61 13.83
C ASP A 50 2.63 -5.30 15.09
N TYR A 51 3.89 -5.71 15.09
CA TYR A 51 4.49 -6.32 16.26
C TYR A 51 5.61 -5.34 16.70
N SER A 52 5.33 -4.05 16.64
CA SER A 52 6.33 -3.07 16.91
C SER A 52 6.65 -3.06 18.42
N ASP A 53 5.86 -3.67 19.27
CA ASP A 53 6.30 -3.90 20.69
C ASP A 53 7.59 -4.71 20.79
N LYS A 54 7.89 -5.56 19.80
CA LYS A 54 9.09 -6.38 19.86
C LYS A 54 10.00 -6.27 18.67
N TYR A 55 9.44 -6.36 17.47
CA TYR A 55 10.22 -6.64 16.29
C TYR A 55 10.05 -5.65 15.16
N GLY A 56 8.82 -5.30 14.92
CA GLY A 56 8.54 -4.38 13.77
C GLY A 56 7.23 -4.75 13.13
N LEU A 57 7.06 -4.29 11.90
CA LEU A 57 5.82 -4.41 11.17
C LEU A 57 6.06 -5.35 9.97
N GLY A 58 5.33 -6.45 9.94
CA GLY A 58 5.40 -7.36 8.83
C GLY A 58 4.19 -7.16 7.93
N TYR A 59 4.37 -7.50 6.64
CA TYR A 59 3.30 -7.24 5.69
C TYR A 59 3.41 -8.25 4.57
N GLN A 60 2.29 -8.42 3.87
CA GLN A 60 2.24 -9.24 2.67
C GLN A 60 1.71 -8.35 1.56
N LEU A 61 2.37 -8.41 0.40
CA LEU A 61 1.83 -7.70 -0.76
C LEU A 61 0.93 -8.68 -1.55
N CYS A 62 0.20 -8.15 -2.49
CA CYS A 62 -0.86 -8.93 -3.11
C CYS A 62 -0.31 -10.07 -4.02
N ASP A 63 0.95 -10.01 -4.35
CA ASP A 63 1.60 -11.06 -5.14
C ASP A 63 2.11 -12.20 -4.21
N ASN A 64 1.80 -12.15 -2.93
CA ASN A 64 2.27 -13.15 -1.95
C ASN A 64 3.68 -12.95 -1.42
N SER A 65 4.41 -11.97 -1.96
CA SER A 65 5.65 -11.56 -1.31
C SER A 65 5.37 -11.02 0.08
N VAL A 66 6.39 -11.01 0.92
CA VAL A 66 6.35 -10.57 2.29
C VAL A 66 7.52 -9.62 2.55
N GLY A 67 7.32 -8.66 3.46
CA GLY A 67 8.37 -7.94 4.00
C GLY A 67 8.22 -7.61 5.44
N VAL A 68 9.35 -7.20 6.02
CA VAL A 68 9.29 -6.71 7.40
C VAL A 68 10.07 -5.42 7.48
N LEU A 69 9.48 -4.39 8.13
CA LEU A 69 10.24 -3.23 8.49
C LEU A 69 10.50 -3.34 9.95
N PHE A 70 11.77 -3.57 10.30
CA PHE A 70 12.13 -3.86 11.68
C PHE A 70 12.17 -2.55 12.49
N ASN A 71 12.16 -2.68 13.81
CA ASN A 71 12.21 -1.51 14.69
C ASN A 71 13.52 -0.73 14.53
N ASP A 72 14.57 -1.40 14.09
CA ASP A 72 15.85 -0.78 13.78
C ASP A 72 15.97 -0.09 12.43
N SER A 73 14.88 0.01 11.70
CA SER A 73 14.81 0.71 10.42
C SER A 73 15.56 -0.02 9.34
N THR A 74 15.80 -1.31 9.50
CA THR A 74 16.19 -2.14 8.37
C THR A 74 14.98 -2.91 7.86
N ARG A 75 15.14 -3.46 6.66
CA ARG A 75 14.01 -4.12 5.94
C ARG A 75 14.51 -5.42 5.36
N LEU A 76 13.68 -6.45 5.47
CA LEU A 76 13.92 -7.72 4.73
C LEU A 76 12.69 -8.03 3.88
N ILE A 77 12.88 -8.46 2.61
CA ILE A 77 11.80 -8.69 1.66
C ILE A 77 12.01 -10.10 1.16
N LEU A 78 10.96 -10.90 1.18
CA LEU A 78 10.98 -12.23 0.68
C LEU A 78 10.09 -12.22 -0.58
N TYR A 79 10.71 -12.51 -1.72
CA TYR A 79 10.03 -12.56 -2.99
C TYR A 79 9.08 -13.75 -3.08
N ASN A 80 8.16 -13.74 -4.03
CA ASN A 80 7.14 -14.76 -3.98
C ASN A 80 7.64 -16.15 -4.54
N ASP A 81 8.92 -16.26 -4.86
CA ASP A 81 9.50 -17.60 -5.15
C ASP A 81 9.73 -18.34 -3.81
N GLY A 82 9.58 -17.61 -2.72
CA GLY A 82 9.74 -18.18 -1.40
C GLY A 82 11.16 -18.42 -1.02
N ASP A 83 12.13 -17.94 -1.78
CA ASP A 83 13.51 -18.08 -1.44
C ASP A 83 14.36 -16.85 -1.62
N SER A 84 14.11 -16.04 -2.63
CA SER A 84 14.88 -14.78 -2.88
C SER A 84 14.58 -13.69 -1.86
N LEU A 85 15.61 -13.21 -1.23
CA LEU A 85 15.56 -12.21 -0.16
C LEU A 85 16.26 -10.98 -0.64
N GLN A 86 15.77 -9.81 -0.24
CA GLN A 86 16.53 -8.57 -0.27
C GLN A 86 16.61 -7.91 1.10
N TYR A 87 17.82 -7.50 1.50
CA TYR A 87 18.01 -6.85 2.73
C TYR A 87 18.35 -5.42 2.42
N ILE A 88 17.67 -4.53 3.14
CA ILE A 88 17.94 -3.11 3.03
C ILE A 88 18.42 -2.52 4.34
N GLU A 89 19.66 -2.06 4.32
CA GLU A 89 20.27 -1.50 5.51
C GLU A 89 19.70 -0.11 5.82
N ARG A 90 20.01 0.39 7.02
CA ARG A 90 19.47 1.66 7.53
C ARG A 90 19.96 2.78 6.63
N ASP A 91 21.23 2.71 6.18
CA ASP A 91 21.80 3.70 5.25
C ASP A 91 21.41 3.40 3.82
N GLY A 92 20.46 2.49 3.59
CA GLY A 92 19.87 2.28 2.26
C GLY A 92 20.58 1.25 1.43
N THR A 93 21.71 0.71 1.88
CA THR A 93 22.43 -0.28 1.06
C THR A 93 21.57 -1.54 0.85
N GLU A 94 21.43 -1.99 -0.39
CA GLU A 94 20.58 -3.16 -0.68
C GLU A 94 21.42 -4.37 -1.06
N SER A 95 21.08 -5.54 -0.55
CA SER A 95 21.74 -6.78 -0.91
C SER A 95 20.72 -7.84 -1.25
N TYR A 96 21.07 -8.66 -2.23
CA TYR A 96 20.26 -9.79 -2.58
C TYR A 96 20.87 -11.09 -2.05
N LEU A 97 20.02 -11.94 -1.50
CA LEU A 97 20.40 -13.19 -0.80
C LEU A 97 19.32 -14.25 -1.02
N THR A 98 19.44 -15.39 -0.37
CA THR A 98 18.39 -16.34 -0.40
C THR A 98 18.23 -16.95 0.98
N VAL A 99 17.03 -17.47 1.24
CA VAL A 99 16.71 -18.20 2.48
C VAL A 99 17.59 -19.44 2.53
N SER A 100 17.85 -20.07 1.38
CA SER A 100 18.54 -21.36 1.37
C SER A 100 20.03 -21.18 1.59
N SER A 101 20.53 -19.99 1.24
CA SER A 101 21.91 -19.63 1.35
C SER A 101 22.02 -18.16 1.80
N HIS A 102 22.06 -17.99 3.11
CA HIS A 102 22.04 -16.65 3.76
C HIS A 102 23.25 -16.53 4.69
N PRO A 103 23.75 -15.31 4.89
CA PRO A 103 24.73 -15.13 5.97
C PRO A 103 24.15 -15.45 7.34
N ASN A 104 24.96 -16.02 8.23
CA ASN A 104 24.46 -16.36 9.53
C ASN A 104 24.08 -15.13 10.31
N SER A 105 24.68 -14.00 9.96
CA SER A 105 24.35 -12.67 10.59
C SER A 105 22.87 -12.33 10.44
N LEU A 106 22.22 -12.82 9.38
CA LEU A 106 20.78 -12.59 9.21
C LEU A 106 19.86 -13.73 9.67
N MET A 107 20.38 -14.72 10.37
CA MET A 107 19.59 -15.83 10.85
C MET A 107 18.36 -15.37 11.62
N LYS A 108 18.60 -14.48 12.57
CA LYS A 108 17.51 -14.04 13.39
C LYS A 108 16.41 -13.29 12.61
N LYS A 109 16.81 -12.33 11.80
CA LYS A 109 15.85 -11.55 11.10
C LYS A 109 15.10 -12.42 10.08
N ILE A 110 15.79 -13.41 9.47
CA ILE A 110 15.10 -14.32 8.57
C ILE A 110 14.09 -15.23 9.28
N THR A 111 14.43 -15.67 10.48
CA THR A 111 13.53 -16.41 11.30
C THR A 111 12.28 -15.61 11.68
N LEU A 112 12.49 -14.36 12.11
CA LEU A 112 11.38 -13.43 12.31
C LEU A 112 10.50 -13.29 11.06
N LEU A 113 11.12 -13.08 9.90
CA LEU A 113 10.34 -12.98 8.67
C LEU A 113 9.48 -14.20 8.43
N LYS A 114 10.02 -15.38 8.73
CA LYS A 114 9.30 -16.62 8.42
C LYS A 114 8.12 -16.74 9.39
N TYR A 115 8.32 -16.38 10.64
CA TYR A 115 7.17 -16.30 11.62
C TYR A 115 6.09 -15.30 11.13
N PHE A 116 6.45 -14.08 10.69
CA PHE A 116 5.43 -13.09 10.15
C PHE A 116 4.77 -13.75 8.96
N ARG A 117 5.57 -14.30 8.07
CA ARG A 117 5.04 -14.89 6.86
C ARG A 117 4.02 -16.02 7.15
N ASN A 118 4.42 -17.00 7.98
CA ASN A 118 3.53 -18.09 8.34
C ASN A 118 2.19 -17.57 9.01
N TYR A 119 2.30 -16.57 9.89
CA TYR A 119 1.16 -16.02 10.59
C TYR A 119 0.15 -15.42 9.53
N MET A 120 0.67 -14.55 8.66
CA MET A 120 -0.16 -13.79 7.75
C MET A 120 -0.82 -14.77 6.78
N SER A 121 -0.04 -15.76 6.37
CA SER A 121 -0.49 -16.72 5.40
C SER A 121 -1.71 -17.47 5.84
N GLU A 122 -1.69 -17.91 7.11
CA GLU A 122 -2.76 -18.74 7.65
C GLU A 122 -3.85 -18.04 8.46
N HIS A 123 -3.67 -16.80 8.86
CA HIS A 123 -4.62 -16.20 9.79
C HIS A 123 -5.34 -14.95 9.38
N LEU A 124 -4.92 -14.32 8.31
CA LEU A 124 -5.55 -12.97 8.00
C LEU A 124 -6.19 -13.10 6.63
N LEU A 125 -7.22 -12.29 6.39
CA LEU A 125 -7.80 -12.12 5.02
C LEU A 125 -6.86 -11.40 4.06
N LYS A 126 -6.98 -11.70 2.78
CA LYS A 126 -6.15 -11.05 1.76
C LYS A 126 -6.95 -9.88 1.22
N ALA A 127 -6.58 -8.65 1.60
CA ALA A 127 -7.22 -7.43 1.08
C ALA A 127 -7.06 -7.46 -0.46
N GLY A 128 -8.17 -7.17 -1.12
CA GLY A 128 -8.19 -7.11 -2.59
C GLY A 128 -8.04 -8.44 -3.28
N ALA A 129 -8.49 -9.50 -2.61
CA ALA A 129 -8.28 -10.85 -3.20
C ALA A 129 -9.15 -10.98 -4.49
N ASN A 130 -10.11 -10.06 -4.61
CA ASN A 130 -11.05 -10.03 -5.79
C ASN A 130 -10.51 -9.13 -6.92
N ILE A 131 -9.32 -8.52 -6.73
CA ILE A 131 -8.68 -7.64 -7.75
C ILE A 131 -7.60 -8.42 -8.52
N THR A 132 -7.72 -8.47 -9.84
CA THR A 132 -6.61 -8.98 -10.66
C THR A 132 -5.65 -7.83 -10.88
N PRO A 133 -4.42 -7.96 -10.37
CA PRO A 133 -3.53 -6.79 -10.40
C PRO A 133 -3.12 -6.49 -11.86
N ARG A 134 -2.83 -5.22 -12.13
CA ARG A 134 -2.21 -4.84 -13.37
C ARG A 134 -0.90 -5.62 -13.61
N GLU A 135 -0.61 -5.90 -14.88
CA GLU A 135 0.63 -6.64 -15.27
C GLU A 135 1.85 -5.79 -15.01
N GLY A 136 2.81 -6.31 -14.22
CA GLY A 136 4.09 -5.62 -14.02
C GLY A 136 5.21 -6.45 -14.66
N ASP A 137 6.43 -6.37 -14.15
CA ASP A 137 7.59 -7.09 -14.76
C ASP A 137 8.27 -7.89 -13.68
N GLU A 138 8.31 -9.22 -13.81
CA GLU A 138 8.85 -10.05 -12.76
C GLU A 138 10.32 -9.73 -12.55
N LEU A 139 10.95 -9.10 -13.56
CA LEU A 139 12.38 -8.76 -13.46
C LEU A 139 12.67 -7.52 -12.70
N ALA A 140 11.68 -6.66 -12.55
CA ALA A 140 11.87 -5.44 -11.69
C ALA A 140 11.85 -5.76 -10.20
N ARG A 141 12.52 -4.91 -9.44
CA ARG A 141 12.56 -5.06 -7.99
C ARG A 141 11.16 -4.90 -7.41
N LEU A 142 10.91 -5.58 -6.28
CA LEU A 142 9.70 -5.33 -5.51
C LEU A 142 9.78 -3.98 -4.84
N PRO A 143 8.63 -3.25 -4.73
CA PRO A 143 8.53 -2.14 -3.84
C PRO A 143 8.59 -2.66 -2.43
N TYR A 144 9.06 -1.84 -1.52
CA TYR A 144 9.09 -2.23 -0.15
C TYR A 144 8.44 -1.11 0.66
N LEU A 145 8.13 -1.40 1.91
CA LEU A 145 7.47 -0.44 2.78
C LEU A 145 8.49 0.59 3.28
N ARG A 146 8.34 1.84 2.86
CA ARG A 146 9.25 2.92 3.25
C ARG A 146 8.92 3.42 4.68
N THR A 147 7.61 3.58 4.92
CA THR A 147 7.14 4.02 6.22
C THR A 147 5.71 3.67 6.39
N TRP A 148 5.30 3.74 7.64
CA TRP A 148 3.92 3.61 8.03
C TRP A 148 3.64 4.37 9.31
N PHE A 149 2.39 4.63 9.54
CA PHE A 149 1.91 5.11 10.85
C PHE A 149 0.46 4.81 11.01
N ARG A 150 -0.06 5.06 12.21
CA ARG A 150 -1.43 4.85 12.50
C ARG A 150 -2.01 6.18 13.07
N THR A 151 -3.27 6.42 12.74
CA THR A 151 -4.07 7.52 13.31
C THR A 151 -5.25 6.91 14.03
N ARG A 152 -6.14 7.74 14.57
CA ARG A 152 -7.34 7.22 15.18
C ARG A 152 -8.12 6.31 14.24
N SER A 153 -8.14 6.70 12.97
CA SER A 153 -9.07 6.06 12.03
C SER A 153 -8.47 5.02 11.06
N ALA A 154 -7.16 5.08 10.85
CA ALA A 154 -6.52 4.30 9.79
C ALA A 154 -5.07 3.93 10.09
N ILE A 155 -4.59 2.96 9.30
CA ILE A 155 -3.19 2.73 9.12
C ILE A 155 -2.79 3.20 7.71
N ILE A 156 -1.72 3.91 7.68
CA ILE A 156 -1.12 4.51 6.48
C ILE A 156 0.20 3.78 6.14
N LEU A 157 0.28 3.30 4.89
CA LEU A 157 1.34 2.47 4.39
C LEU A 157 1.90 3.09 3.12
N HIS A 158 3.18 3.45 3.15
CA HIS A 158 3.85 4.11 1.97
C HIS A 158 4.90 3.20 1.34
N LEU A 159 4.70 2.83 0.07
CA LEU A 159 5.58 1.91 -0.62
C LEU A 159 6.62 2.68 -1.40
N SER A 160 7.69 1.96 -1.67
CA SER A 160 8.85 2.57 -2.37
C SER A 160 8.57 2.86 -3.83
N ASN A 161 7.45 2.38 -4.37
CA ASN A 161 7.07 2.82 -5.74
C ASN A 161 6.20 4.08 -5.75
N GLY A 162 6.04 4.71 -4.61
CA GLY A 162 5.27 5.93 -4.51
C GLY A 162 3.83 5.78 -4.01
N SER A 163 3.33 4.56 -3.98
CA SER A 163 1.97 4.22 -3.62
C SER A 163 1.79 4.51 -2.17
N VAL A 164 0.60 5.02 -1.84
CA VAL A 164 0.20 5.29 -0.45
C VAL A 164 -1.12 4.54 -0.27
N GLN A 165 -1.16 3.70 0.74
CA GLN A 165 -2.36 2.92 1.03
C GLN A 165 -2.84 3.29 2.42
N ILE A 166 -4.14 3.48 2.47
CA ILE A 166 -4.87 3.90 3.72
C ILE A 166 -5.98 2.92 4.02
N ASN A 167 -5.84 2.20 5.12
CA ASN A 167 -6.83 1.22 5.53
C ASN A 167 -7.59 1.69 6.72
N PHE A 168 -8.89 1.91 6.52
CA PHE A 168 -9.73 2.46 7.62
C PHE A 168 -10.25 1.38 8.56
N PHE A 169 -10.06 1.60 9.87
CA PHE A 169 -10.29 0.53 10.87
C PHE A 169 -11.76 0.15 11.07
N GLN A 170 -12.64 1.12 11.09
CA GLN A 170 -14.02 0.88 11.61
C GLN A 170 -14.92 0.26 10.55
N ASP A 171 -14.82 0.74 9.32
CA ASP A 171 -15.67 0.21 8.23
C ASP A 171 -14.89 -0.65 7.23
N HIS A 172 -13.57 -0.85 7.46
CA HIS A 172 -12.75 -1.73 6.60
C HIS A 172 -12.57 -1.20 5.19
N THR A 173 -12.94 0.06 4.98
CA THR A 173 -12.77 0.68 3.65
C THR A 173 -11.25 0.98 3.48
N LYS A 174 -10.81 0.96 2.24
CA LYS A 174 -9.38 1.20 1.95
C LYS A 174 -9.18 2.04 0.71
N LEU A 175 -8.08 2.82 0.73
CA LEU A 175 -7.67 3.60 -0.48
C LEU A 175 -6.28 3.11 -0.86
N ILE A 176 -6.07 2.89 -2.14
CA ILE A 176 -4.73 2.70 -2.70
C ILE A 176 -4.48 3.85 -3.69
N LEU A 177 -3.51 4.70 -3.35
CA LEU A 177 -3.22 5.82 -4.17
C LEU A 177 -1.89 5.63 -4.88
N CYS A 178 -1.84 5.83 -6.18
CA CYS A 178 -0.63 5.66 -7.00
C CYS A 178 -0.32 6.97 -7.79
N PRO A 179 0.84 7.56 -7.54
CA PRO A 179 1.19 8.81 -8.24
C PRO A 179 1.67 8.56 -9.67
N LEU A 180 2.03 7.29 -9.98
CA LEU A 180 2.49 6.92 -11.33
C LEU A 180 1.29 6.76 -12.24
N MET A 181 0.22 6.15 -11.75
CA MET A 181 -0.97 5.99 -12.55
C MET A 181 -1.92 7.21 -12.30
N ALA A 182 -1.56 8.06 -11.34
CA ALA A 182 -2.37 9.20 -10.92
C ALA A 182 -3.85 8.77 -10.67
N ALA A 183 -3.98 7.78 -9.82
CA ALA A 183 -5.23 7.03 -9.63
C ALA A 183 -5.44 6.66 -8.21
N VAL A 184 -6.68 6.38 -7.90
CA VAL A 184 -7.10 5.90 -6.57
C VAL A 184 -7.97 4.68 -6.71
N THR A 185 -7.63 3.61 -5.99
CA THR A 185 -8.49 2.47 -5.84
C THR A 185 -9.19 2.57 -4.51
N TYR A 186 -10.51 2.45 -4.56
CA TYR A 186 -11.33 2.51 -3.37
C TYR A 186 -12.00 1.16 -3.15
N ILE A 187 -11.78 0.58 -1.98
CA ILE A 187 -12.36 -0.71 -1.60
C ILE A 187 -13.38 -0.35 -0.55
N ASP A 188 -14.64 -0.62 -0.83
CA ASP A 188 -15.72 -0.18 0.08
C ASP A 188 -16.05 -1.23 1.14
N GLU A 189 -17.09 -0.95 1.94
CA GLU A 189 -17.41 -1.75 3.15
C GLU A 189 -17.85 -3.18 2.79
N LYS A 190 -18.36 -3.35 1.56
CA LYS A 190 -18.72 -4.67 0.98
C LYS A 190 -17.60 -5.37 0.28
N ARG A 191 -16.43 -4.73 0.22
CA ARG A 191 -15.31 -5.26 -0.54
C ARG A 191 -15.41 -5.14 -2.03
N ASP A 192 -16.36 -4.37 -2.49
CA ASP A 192 -16.36 -4.05 -3.91
C ASP A 192 -15.18 -3.07 -4.11
N PHE A 193 -14.60 -3.08 -5.30
CA PHE A 193 -13.53 -2.11 -5.55
C PHE A 193 -13.77 -1.42 -6.88
N ARG A 194 -13.34 -0.16 -6.97
CA ARG A 194 -13.25 0.52 -8.26
C ARG A 194 -11.95 1.33 -8.25
N THR A 195 -11.37 1.46 -9.44
CA THR A 195 -10.15 2.27 -9.66
C THR A 195 -10.52 3.48 -10.48
N TYR A 196 -10.20 4.66 -9.93
CA TYR A 196 -10.55 5.95 -10.56
C TYR A 196 -9.33 6.70 -11.02
N ARG A 197 -9.40 7.23 -12.22
CA ARG A 197 -8.34 8.16 -12.63
C ARG A 197 -8.63 9.53 -12.01
N LEU A 198 -7.65 10.15 -11.32
CA LEU A 198 -7.94 11.35 -10.56
C LEU A 198 -8.41 12.46 -11.48
N SER A 199 -7.81 12.58 -12.65
CA SER A 199 -8.23 13.63 -13.58
C SER A 199 -9.71 13.41 -14.10
N LEU A 200 -10.15 12.16 -14.14
CA LEU A 200 -11.54 11.92 -14.52
C LEU A 200 -12.46 12.31 -13.36
N LEU A 201 -12.00 12.13 -12.12
CA LEU A 201 -12.78 12.65 -10.96
C LEU A 201 -12.93 14.16 -10.97
N GLU A 202 -11.92 14.87 -11.51
CA GLU A 202 -12.05 16.29 -11.66
C GLU A 202 -13.17 16.68 -12.58
N GLU A 203 -13.20 15.98 -13.68
CA GLU A 203 -14.18 16.28 -14.69
C GLU A 203 -15.59 15.77 -14.36
N TYR A 204 -15.73 14.59 -13.81
CA TYR A 204 -17.06 14.01 -13.60
C TYR A 204 -17.64 14.04 -12.20
N GLY A 205 -16.81 14.19 -11.18
CA GLY A 205 -17.26 14.29 -9.83
C GLY A 205 -17.20 12.96 -9.12
N CYS A 206 -17.47 12.97 -7.81
CA CYS A 206 -17.64 11.72 -7.11
C CYS A 206 -18.52 11.94 -5.88
N CYS A 207 -18.91 10.85 -5.28
CA CYS A 207 -19.75 10.88 -4.09
C CYS A 207 -18.99 11.41 -2.88
N LYS A 208 -19.78 11.90 -1.93
CA LYS A 208 -19.23 12.45 -0.68
C LYS A 208 -18.29 11.56 0.07
N GLU A 209 -18.53 10.25 0.06
CA GLU A 209 -17.71 9.30 0.80
C GLU A 209 -16.28 9.35 0.24
N LEU A 210 -16.16 9.22 -1.08
CA LEU A 210 -14.84 9.20 -1.69
C LEU A 210 -14.19 10.56 -1.60
N ALA A 211 -14.94 11.64 -1.73
CA ALA A 211 -14.35 12.93 -1.66
C ALA A 211 -13.76 13.16 -0.27
N SER A 212 -14.50 12.76 0.74
CA SER A 212 -14.00 12.88 2.12
C SER A 212 -12.72 12.08 2.34
N ARG A 213 -12.71 10.84 1.84
CA ARG A 213 -11.51 10.05 1.97
C ARG A 213 -10.29 10.63 1.21
N LEU A 214 -10.54 11.35 0.11
CA LEU A 214 -9.46 11.96 -0.66
C LEU A 214 -8.96 13.19 0.05
N ARG A 215 -9.86 13.89 0.75
CA ARG A 215 -9.37 14.99 1.61
C ARG A 215 -8.46 14.47 2.70
N TYR A 216 -8.92 13.44 3.36
CA TYR A 216 -8.09 12.72 4.38
C TYR A 216 -6.76 12.24 3.84
N ALA A 217 -6.81 11.70 2.64
CA ALA A 217 -5.60 11.22 1.99
C ALA A 217 -4.57 12.33 1.81
N ARG A 218 -5.01 13.57 1.43
CA ARG A 218 -4.11 14.63 1.23
C ARG A 218 -3.40 14.94 2.56
N THR A 219 -4.17 14.95 3.66
CA THR A 219 -3.57 15.24 4.98
C THR A 219 -2.54 14.19 5.35
N MET A 220 -2.84 12.93 5.03
CA MET A 220 -1.91 11.82 5.28
C MET A 220 -0.61 12.01 4.45
N VAL A 221 -0.74 12.37 3.18
CA VAL A 221 0.43 12.52 2.33
C VAL A 221 1.29 13.69 2.84
N ASP A 222 0.62 14.78 3.28
CA ASP A 222 1.30 15.86 3.94
C ASP A 222 2.09 15.41 5.16
N LYS A 223 1.48 14.54 5.97
CA LYS A 223 2.15 13.97 7.14
C LYS A 223 3.31 13.06 6.73
N LEU A 224 3.16 12.29 5.68
CA LEU A 224 4.31 11.56 5.13
C LEU A 224 5.45 12.38 4.61
N LEU A 225 5.15 13.46 3.89
CA LEU A 225 6.19 14.34 3.39
C LEU A 225 6.91 15.04 4.55
N SER A 226 6.22 15.21 5.68
CA SER A 226 6.77 15.74 6.92
C SER A 226 7.15 14.70 8.01
C21 YAC B 1 -2.00 -6.32 14.79
O2 YAC B 1 -0.86 -6.61 14.42
C22 YAC B 1 -2.22 -5.75 16.17
C23 YAC B 1 -2.70 -7.04 16.83
C24 YAC B 1 -1.68 -7.21 17.72
C25 YAC B 1 -1.89 -6.68 19.00
C26 YAC B 1 -3.20 -6.01 19.40
O3 YAC B 1 -4.23 -5.98 18.71
C27 YAC B 1 -3.13 -5.48 20.65
C28 YAC B 1 -1.90 -5.47 21.30
C29 YAC B 1 -1.88 -4.88 22.59
C30 YAC B 1 -3.06 -4.31 23.10
C31 YAC B 1 -4.28 -4.32 22.43
C32 YAC B 1 -4.31 -4.90 21.15
C 56A B 2 -4.22 -6.35 11.97
N 56A B 2 -3.16 -6.53 14.12
O 56A B 2 -5.29 -6.10 12.48
CA 56A B 2 -3.07 -7.07 12.75
CB 56A B 2 -2.87 -8.64 12.66
CG 56A B 2 -3.86 -9.38 13.61
C27 56A B 2 -2.11 -10.09 15.22
C28 56A B 2 -2.08 -10.83 16.60
C29 56A B 2 -0.60 -10.90 17.07
C30 56A B 2 0.30 -11.84 16.22
C31 56A B 2 1.70 -12.00 16.93
C32 56A B 2 2.53 -13.08 16.17
C33 56A B 2 2.97 -12.55 14.82
C34 56A B 2 3.93 -13.51 14.07
C35 56A B 2 5.20 -13.45 14.68
C36 56A B 2 6.18 -12.57 14.18
C37 56A B 2 7.43 -12.50 14.74
C38 56A B 2 7.79 -13.32 15.79
C39 56A B 2 6.91 -14.27 16.24
C40 56A B 2 5.58 -14.35 15.68
ND1 56A B 2 -3.50 -9.96 14.76
CD2 56A B 2 -5.20 -9.54 13.42
CE1 56A B 2 -4.63 -10.51 15.30
NE2 56A B 2 -5.67 -10.24 14.51
N SER B 3 -4.05 -6.80 10.60
CA SER B 3 -5.05 -6.43 9.62
C SER B 3 -6.22 -7.41 9.83
N TPO B 4 -7.23 -7.25 9.04
CA TPO B 4 -8.50 -8.01 9.27
CB TPO B 4 -9.60 -7.53 8.32
CG2 TPO B 4 -10.93 -8.23 8.65
OG1 TPO B 4 -9.75 -6.17 8.65
P TPO B 4 -9.35 -5.09 7.44
O1P TPO B 4 -9.77 -3.81 8.08
O2P TPO B 4 -10.10 -5.49 6.19
O3P TPO B 4 -7.85 -5.20 7.17
C TPO B 4 -8.23 -9.49 9.10
O TPO B 4 -7.85 -9.99 8.05
N NH2 B 5 -8.58 -10.39 10.07
#